data_3GYM
#
_entry.id   3GYM
#
_cell.length_a   42.659
_cell.length_b   127.335
_cell.length_c   134.689
_cell.angle_alpha   90.00
_cell.angle_beta   90.00
_cell.angle_gamma   90.00
#
_symmetry.space_group_name_H-M   'P 21 21 21'
#
loop_
_entity.id
_entity.type
_entity.pdbx_description
1 polymer Prostasin
2 polymer 'Pancreatic trypsin inhibitor'
#
loop_
_entity_poly.entity_id
_entity_poly.type
_entity_poly.pdbx_seq_one_letter_code
_entity_poly.pdbx_strand_id
1 'polypeptide(L)'
;ITGGSSAVAGQWPWQVSITYEGVHVCGGSLVSEQWVLSAAHCFPSEHHKEAYEVKLGAHQLDSYSEDAKVSTLKDIIPHP
SYLQEGSQGDIALLQLSRPITFSRYIRPISLPAAQASFPNGLHCTVTGWGHVAPSVSLLTPKPLQQLEVPLISRETCNSL
YNIDAKPEEPHFVQEDMVCAGYVEGGKDACQGDSGGPLSCPVEGLWYLTGIVSWGDACGARNRPGVYTLASSYASWIQSK
VTELQPRVVPQTQESQPDSNL
;
A,B
2 'polypeptide(L)' RPDFCLEPPYTGPCKARIIRYFYNAKAGLCQTFVYGGCRAKRNNFKSAEDCMRTCGGA I,J
#
# COMPACT_ATOMS: atom_id res chain seq x y z
N ILE A 1 1.85 -15.37 -19.68
CA ILE A 1 2.61 -15.92 -18.57
C ILE A 1 2.65 -17.44 -18.64
N THR A 2 3.83 -17.99 -18.84
CA THR A 2 3.95 -19.42 -19.08
C THR A 2 4.10 -20.26 -17.81
N GLY A 3 3.11 -21.11 -17.54
CA GLY A 3 3.21 -21.99 -16.41
C GLY A 3 2.66 -21.37 -15.14
N GLY A 4 1.81 -20.37 -15.30
CA GLY A 4 1.23 -19.70 -14.14
C GLY A 4 -0.14 -20.21 -13.75
N SER A 5 -0.97 -19.29 -13.26
CA SER A 5 -2.34 -19.57 -12.90
C SER A 5 -3.12 -18.27 -12.95
N SER A 6 -4.45 -18.38 -13.01
CA SER A 6 -5.32 -17.21 -13.10
C SER A 6 -5.42 -16.46 -11.79
N ALA A 7 -5.20 -15.15 -11.84
CA ALA A 7 -5.36 -14.32 -10.64
C ALA A 7 -6.85 -14.15 -10.34
N VAL A 8 -7.20 -13.86 -9.09
CA VAL A 8 -8.58 -13.52 -8.80
C VAL A 8 -8.79 -12.10 -9.27
N ALA A 9 -10.02 -11.73 -9.59
CA ALA A 9 -10.29 -10.38 -10.04
C ALA A 9 -10.00 -9.40 -8.90
N GLY A 10 -9.12 -8.45 -9.16
CA GLY A 10 -8.78 -7.44 -8.18
C GLY A 10 -7.58 -7.78 -7.31
N GLN A 11 -6.88 -8.86 -7.62
CA GLN A 11 -5.72 -9.26 -6.83
C GLN A 11 -4.44 -8.50 -7.18
N TRP A 12 -4.38 -7.89 -8.36
CA TRP A 12 -3.20 -7.13 -8.74
C TRP A 12 -3.56 -5.77 -9.29
N PRO A 13 -4.22 -4.94 -8.47
CA PRO A 13 -4.77 -3.65 -8.87
C PRO A 13 -3.81 -2.72 -9.64
N TRP A 14 -2.51 -2.99 -9.62
CA TRP A 14 -1.56 -2.11 -10.31
C TRP A 14 -1.27 -2.56 -11.72
N GLN A 15 -1.75 -3.74 -12.08
CA GLN A 15 -1.58 -4.28 -13.42
C GLN A 15 -2.42 -3.52 -14.46
N VAL A 16 -1.80 -3.14 -15.57
CA VAL A 16 -2.54 -2.48 -16.63
C VAL A 16 -2.27 -3.17 -17.95
N SER A 17 -3.20 -3.04 -18.88
CA SER A 17 -3.03 -3.55 -20.23
C SER A 17 -2.68 -2.37 -21.13
N ILE A 18 -1.85 -2.60 -22.15
CA ILE A 18 -1.51 -1.55 -23.09
C ILE A 18 -1.90 -2.01 -24.48
N THR A 19 -2.70 -1.17 -25.13
CA THR A 19 -3.19 -1.48 -26.46
C THR A 19 -2.72 -0.42 -27.46
N TYR A 20 -2.22 -0.90 -28.58
CA TYR A 20 -1.94 -0.04 -29.72
C TYR A 20 -2.93 -0.41 -30.81
N GLU A 21 -3.70 0.57 -31.28
CA GLU A 21 -4.76 0.32 -32.23
C GLU A 21 -5.66 -0.79 -31.73
N GLY A 22 -6.01 -0.71 -30.44
CA GLY A 22 -6.94 -1.65 -29.85
C GLY A 22 -6.43 -3.08 -29.66
N VAL A 23 -5.14 -3.30 -29.89
CA VAL A 23 -4.56 -4.62 -29.65
C VAL A 23 -3.61 -4.58 -28.47
N HIS A 24 -3.76 -5.51 -27.54
CA HIS A 24 -2.86 -5.60 -26.41
C HIS A 24 -1.46 -5.93 -26.87
N VAL A 25 -0.48 -5.10 -26.50
CA VAL A 25 0.91 -5.37 -26.86
C VAL A 25 1.82 -5.52 -25.65
N CYS A 26 1.51 -4.78 -24.60
CA CYS A 26 2.34 -4.75 -23.39
C CYS A 26 1.48 -4.71 -22.17
N GLY A 27 2.06 -5.17 -21.07
CA GLY A 27 1.50 -4.92 -19.76
C GLY A 27 2.13 -3.64 -19.25
N GLY A 28 1.68 -3.20 -18.09
CA GLY A 28 2.23 -2.03 -17.47
C GLY A 28 1.90 -2.10 -16.01
N SER A 29 2.48 -1.19 -15.25
CA SER A 29 2.25 -1.12 -13.83
C SER A 29 1.98 0.33 -13.46
N LEU A 30 0.88 0.54 -12.74
CA LEU A 30 0.47 1.87 -12.33
C LEU A 30 1.22 2.29 -11.07
N VAL A 31 1.72 3.53 -11.06
CA VAL A 31 2.54 4.00 -9.94
C VAL A 31 2.00 5.24 -9.23
N SER A 32 1.08 5.96 -9.87
CA SER A 32 0.39 7.08 -9.23
C SER A 32 -0.96 7.35 -9.88
N GLU A 33 -1.65 8.41 -9.42
CA GLU A 33 -2.97 8.77 -9.94
C GLU A 33 -2.99 8.94 -11.47
N GLN A 34 -1.82 9.14 -12.08
CA GLN A 34 -1.78 9.50 -13.50
C GLN A 34 -0.58 8.94 -14.26
N TRP A 35 0.22 8.08 -13.63
CA TRP A 35 1.45 7.57 -14.26
C TRP A 35 1.56 6.04 -14.31
N VAL A 36 2.24 5.53 -15.32
CA VAL A 36 2.38 4.09 -15.51
C VAL A 36 3.81 3.73 -15.92
N LEU A 37 4.40 2.75 -15.25
CA LEU A 37 5.67 2.21 -15.70
C LEU A 37 5.48 1.09 -16.72
N SER A 38 6.28 1.10 -17.78
CA SER A 38 6.29 -0.02 -18.70
C SER A 38 7.68 -0.16 -19.30
N ALA A 39 7.75 -0.69 -20.53
CA ALA A 39 9.03 -0.98 -21.17
C ALA A 39 9.22 -0.19 -22.46
N ALA A 40 10.43 0.31 -22.67
CA ALA A 40 10.71 1.15 -23.82
C ALA A 40 10.41 0.49 -25.17
N HIS A 41 10.69 -0.82 -25.29
CA HIS A 41 10.50 -1.51 -26.57
C HIS A 41 9.02 -1.75 -26.91
N CYS A 42 8.13 -1.52 -25.96
CA CYS A 42 6.70 -1.65 -26.24
C CYS A 42 6.23 -0.43 -27.00
N PHE A 43 7.14 0.50 -27.26
CA PHE A 43 6.79 1.79 -27.85
C PHE A 43 7.78 2.26 -28.91
N PRO A 44 7.85 1.53 -30.03
CA PRO A 44 8.72 1.94 -31.14
C PRO A 44 8.30 3.32 -31.64
N SER A 45 9.26 4.10 -32.13
CA SER A 45 8.99 5.46 -32.59
C SER A 45 7.98 5.54 -33.75
N GLU A 46 7.85 4.44 -34.49
CA GLU A 46 6.96 4.38 -35.65
C GLU A 46 5.48 4.47 -35.26
N HIS A 47 5.18 4.12 -34.01
CA HIS A 47 3.81 4.14 -33.53
C HIS A 47 3.39 5.54 -33.10
N HIS A 48 2.09 5.77 -33.08
CA HIS A 48 1.54 7.08 -32.80
C HIS A 48 0.94 7.14 -31.42
N LYS A 49 1.37 8.10 -30.62
CA LYS A 49 0.89 8.23 -29.25
C LYS A 49 -0.62 8.19 -29.17
N GLU A 50 -1.28 8.84 -30.12
CA GLU A 50 -2.74 8.94 -30.13
C GLU A 50 -3.42 7.57 -30.23
N ALA A 51 -2.68 6.57 -30.70
CA ALA A 51 -3.23 5.23 -30.92
C ALA A 51 -2.85 4.28 -29.78
N TYR A 52 -2.25 4.82 -28.74
CA TYR A 52 -2.00 4.06 -27.52
C TYR A 52 -3.11 4.28 -26.51
N GLU A 53 -3.70 3.18 -26.03
CA GLU A 53 -4.66 3.23 -24.94
C GLU A 53 -4.18 2.37 -23.79
N VAL A 54 -4.83 2.51 -22.64
CA VAL A 54 -4.43 1.80 -21.44
C VAL A 54 -5.66 1.30 -20.71
N LYS A 55 -5.68 0.03 -20.34
CA LYS A 55 -6.82 -0.50 -19.61
C LYS A 55 -6.46 -0.83 -18.16
N LEU A 56 -7.28 -0.35 -17.22
CA LEU A 56 -7.02 -0.61 -15.82
C LEU A 56 -8.20 -1.26 -15.08
N GLY A 57 -7.89 -2.04 -14.05
CA GLY A 57 -8.91 -2.75 -13.31
C GLY A 57 -9.41 -3.87 -14.19
N ALA A 58 -8.57 -4.23 -15.16
CA ALA A 58 -8.92 -5.22 -16.16
C ALA A 58 -8.44 -6.60 -15.75
N HIS A 59 -9.37 -7.47 -15.37
CA HIS A 59 -9.01 -8.83 -14.96
C HIS A 59 -9.02 -9.82 -16.14
N GLN A 60 -10.15 -9.91 -16.83
CA GLN A 60 -10.26 -10.74 -18.03
C GLN A 60 -10.21 -9.82 -19.24
N LEU A 61 -9.09 -9.82 -19.94
CA LEU A 61 -8.87 -8.88 -21.06
C LEU A 61 -9.98 -8.82 -22.11
N ASP A 62 -10.66 -9.94 -22.36
CA ASP A 62 -11.68 -10.01 -23.41
C ASP A 62 -13.10 -9.98 -22.86
N SER A 63 -13.32 -9.20 -21.82
CA SER A 63 -14.61 -9.16 -21.12
C SER A 63 -14.90 -7.74 -20.70
N TYR A 64 -16.17 -7.34 -20.81
CA TYR A 64 -16.58 -6.05 -20.29
C TYR A 64 -16.54 -6.05 -18.77
N SER A 65 -15.55 -5.40 -18.18
CA SER A 65 -15.52 -5.28 -16.72
C SER A 65 -16.21 -4.00 -16.30
N GLU A 66 -17.06 -4.09 -15.27
CA GLU A 66 -17.77 -2.92 -14.78
C GLU A 66 -16.78 -1.80 -14.50
N ASP A 67 -16.06 -1.93 -13.39
CA ASP A 67 -15.05 -0.96 -13.00
C ASP A 67 -13.69 -1.26 -13.65
N ALA A 68 -13.54 -0.83 -14.91
CA ALA A 68 -12.29 -0.96 -15.62
C ALA A 68 -12.01 0.27 -16.48
N LYS A 69 -11.46 1.31 -15.87
CA LYS A 69 -11.24 2.55 -16.60
C LYS A 69 -10.31 2.37 -17.80
N VAL A 70 -10.54 3.16 -18.84
CA VAL A 70 -9.64 3.19 -20.00
C VAL A 70 -9.18 4.63 -20.22
N SER A 71 -7.90 4.80 -20.56
CA SER A 71 -7.40 6.15 -20.76
C SER A 71 -6.48 6.23 -21.97
N THR A 72 -6.48 7.40 -22.59
CA THR A 72 -5.49 7.72 -23.61
C THR A 72 -4.26 8.24 -22.91
N LEU A 73 -3.21 8.51 -23.68
CA LEU A 73 -1.95 8.93 -23.08
C LEU A 73 -1.63 10.37 -23.41
N LYS A 74 -1.33 11.14 -22.37
CA LYS A 74 -0.91 12.53 -22.52
C LYS A 74 0.55 12.58 -22.94
N ASP A 75 1.35 11.68 -22.38
CA ASP A 75 2.80 11.66 -22.58
C ASP A 75 3.38 10.25 -22.57
N ILE A 76 4.51 10.08 -23.26
CA ILE A 76 5.30 8.85 -23.21
C ILE A 76 6.77 9.20 -23.17
N ILE A 77 7.41 8.92 -22.05
CA ILE A 77 8.82 9.21 -21.90
C ILE A 77 9.62 7.94 -21.68
N PRO A 78 10.20 7.42 -22.77
CA PRO A 78 11.17 6.32 -22.61
C PRO A 78 12.41 6.90 -21.94
N HIS A 79 13.14 6.08 -21.20
CA HIS A 79 14.35 6.57 -20.55
C HIS A 79 15.33 7.08 -21.59
N PRO A 80 15.92 8.25 -21.32
CA PRO A 80 16.96 8.88 -22.16
C PRO A 80 18.01 7.89 -22.66
N SER A 81 18.35 6.90 -21.84
CA SER A 81 19.37 5.92 -22.20
C SER A 81 18.98 4.93 -23.31
N TYR A 82 17.72 4.97 -23.75
CA TYR A 82 17.21 3.89 -24.60
C TYR A 82 17.48 3.99 -26.11
N LEU A 83 17.06 5.08 -26.73
CA LEU A 83 17.15 5.17 -28.19
C LEU A 83 18.55 5.02 -28.76
N GLN A 84 19.55 4.93 -27.87
CA GLN A 84 20.92 4.72 -28.31
C GLN A 84 21.54 3.47 -27.69
N GLU A 85 20.71 2.47 -27.41
CA GLU A 85 21.22 1.27 -26.75
C GLU A 85 20.69 -0.02 -27.36
N GLY A 86 19.40 -0.30 -27.13
CA GLY A 86 18.87 -1.61 -27.44
C GLY A 86 19.70 -2.60 -26.64
N SER A 87 20.19 -2.13 -25.49
CA SER A 87 21.05 -2.92 -24.62
C SER A 87 20.83 -2.57 -23.16
N GLN A 88 20.16 -1.46 -22.91
CA GLN A 88 19.99 -0.95 -21.56
C GLN A 88 19.07 0.27 -21.53
N GLY A 89 18.40 0.47 -20.39
CA GLY A 89 17.48 1.58 -20.24
C GLY A 89 16.09 1.26 -20.75
N ASP A 90 15.67 0.01 -20.57
CA ASP A 90 14.45 -0.48 -21.17
C ASP A 90 13.23 -0.20 -20.31
N ILE A 91 12.90 1.08 -20.16
CA ILE A 91 11.75 1.48 -19.36
C ILE A 91 11.16 2.83 -19.79
N ALA A 92 9.85 2.96 -19.65
CA ALA A 92 9.16 4.18 -20.02
C ALA A 92 8.09 4.56 -19.01
N LEU A 93 7.83 5.86 -18.93
CA LEU A 93 6.77 6.37 -18.09
C LEU A 93 5.63 6.80 -19.01
N LEU A 94 4.42 6.42 -18.63
CA LEU A 94 3.27 6.79 -19.41
C LEU A 94 2.42 7.73 -18.57
N GLN A 95 2.28 8.96 -19.03
CA GLN A 95 1.36 9.89 -18.39
C GLN A 95 -0.05 9.81 -19.00
N LEU A 96 -1.01 9.47 -18.16
CA LEU A 96 -2.41 9.44 -18.55
C LEU A 96 -2.93 10.82 -18.89
N SER A 97 -3.95 10.86 -19.75
CA SER A 97 -4.53 12.13 -20.18
C SER A 97 -5.23 12.85 -19.03
N ARG A 98 -5.88 12.08 -18.17
CA ARG A 98 -6.45 12.63 -16.96
C ARG A 98 -6.13 11.69 -15.81
N PRO A 99 -5.89 12.24 -14.61
CA PRO A 99 -5.66 11.39 -13.44
C PRO A 99 -6.89 10.53 -13.25
N ILE A 100 -6.71 9.29 -12.82
CA ILE A 100 -7.86 8.43 -12.63
C ILE A 100 -8.17 8.22 -11.16
N THR A 101 -9.36 7.70 -10.87
CA THR A 101 -9.77 7.48 -9.50
C THR A 101 -9.48 6.05 -9.08
N PHE A 102 -8.81 5.90 -7.93
CA PHE A 102 -8.51 4.59 -7.37
C PHE A 102 -9.75 3.90 -6.83
N SER A 103 -9.81 2.59 -7.03
CA SER A 103 -10.89 1.77 -6.53
C SER A 103 -10.25 0.50 -6.02
N ARG A 104 -11.08 -0.46 -5.63
CA ARG A 104 -10.56 -1.72 -5.11
C ARG A 104 -9.77 -2.43 -6.19
N TYR A 105 -10.08 -2.11 -7.45
CA TYR A 105 -9.51 -2.83 -8.58
C TYR A 105 -8.41 -2.05 -9.30
N ILE A 106 -8.25 -0.80 -8.93
CA ILE A 106 -7.22 0.05 -9.52
C ILE A 106 -6.44 0.74 -8.41
N ARG A 107 -5.16 0.41 -8.31
CA ARG A 107 -4.31 0.88 -7.22
C ARG A 107 -2.85 0.73 -7.62
N PRO A 108 -2.04 1.76 -7.35
CA PRO A 108 -0.62 1.72 -7.71
C PRO A 108 0.21 0.84 -6.77
N ILE A 109 1.35 0.39 -7.26
CA ILE A 109 2.33 -0.30 -6.45
C ILE A 109 3.39 0.73 -6.00
N SER A 110 4.05 0.44 -4.89
CA SER A 110 5.09 1.33 -4.41
C SER A 110 6.39 1.03 -5.12
N LEU A 111 7.13 2.07 -5.47
CA LEU A 111 8.47 1.89 -6.03
C LEU A 111 9.49 1.76 -4.90
N PRO A 112 10.51 0.94 -5.12
CA PRO A 112 11.66 0.80 -4.22
C PRO A 112 12.63 1.98 -4.36
N ALA A 113 13.18 2.46 -3.26
CA ALA A 113 14.18 3.53 -3.31
C ALA A 113 15.42 3.05 -4.07
N ALA A 114 16.24 4.00 -4.50
CA ALA A 114 17.42 3.71 -5.32
C ALA A 114 18.39 2.76 -4.65
N GLN A 115 18.48 2.84 -3.32
CA GLN A 115 19.40 2.01 -2.55
C GLN A 115 18.69 0.83 -1.91
N ALA A 116 17.88 0.14 -2.70
CA ALA A 116 17.09 -0.96 -2.17
C ALA A 116 17.52 -2.26 -2.83
N SER A 117 17.80 -3.26 -2.00
CA SER A 117 18.26 -4.54 -2.49
C SER A 117 17.34 -5.66 -1.99
N PHE A 118 16.98 -6.57 -2.88
CA PHE A 118 16.15 -7.71 -2.52
C PHE A 118 17.00 -8.99 -2.54
N PRO A 119 16.94 -9.76 -1.45
CA PRO A 119 17.74 -10.99 -1.36
C PRO A 119 17.45 -11.94 -2.51
N ASN A 120 18.46 -12.71 -2.88
CA ASN A 120 18.29 -13.72 -3.92
C ASN A 120 17.39 -14.82 -3.45
N GLY A 121 16.68 -15.45 -4.39
CA GLY A 121 15.81 -16.56 -4.06
C GLY A 121 14.51 -16.08 -3.44
N LEU A 122 14.43 -14.79 -3.18
CA LEU A 122 13.17 -14.20 -2.75
C LEU A 122 12.12 -14.49 -3.81
N HIS A 123 10.97 -14.97 -3.38
CA HIS A 123 9.91 -15.33 -4.31
C HIS A 123 9.03 -14.14 -4.63
N CYS A 124 8.93 -13.83 -5.90
CA CYS A 124 8.17 -12.69 -6.34
C CYS A 124 7.17 -13.17 -7.35
N THR A 125 6.23 -12.30 -7.68
CA THR A 125 5.19 -12.65 -8.62
C THR A 125 5.28 -11.77 -9.84
N VAL A 126 5.31 -12.39 -11.02
CA VAL A 126 5.11 -11.65 -12.26
C VAL A 126 3.69 -11.91 -12.79
N THR A 127 3.12 -10.93 -13.47
CA THR A 127 1.72 -11.04 -13.89
C THR A 127 1.49 -10.49 -15.30
N GLY A 128 0.82 -11.27 -16.14
CA GLY A 128 0.55 -10.80 -17.48
C GLY A 128 -0.53 -11.55 -18.24
N TRP A 129 -0.82 -11.06 -19.45
CA TRP A 129 -1.72 -11.75 -20.36
C TRP A 129 -0.93 -12.32 -21.55
N GLY A 130 0.35 -12.61 -21.34
CA GLY A 130 1.22 -13.07 -22.41
C GLY A 130 0.90 -14.47 -22.88
N HIS A 131 1.65 -14.95 -23.88
CA HIS A 131 1.47 -16.31 -24.35
C HIS A 131 1.70 -17.26 -23.20
N VAL A 132 0.93 -18.35 -23.18
CA VAL A 132 1.09 -19.37 -22.16
C VAL A 132 2.13 -20.39 -22.59
N ALA A 133 2.75 -20.15 -23.75
CA ALA A 133 3.82 -21.01 -24.24
C ALA A 133 4.39 -20.37 -25.49
N PRO A 134 5.54 -20.88 -25.97
CA PRO A 134 6.12 -20.32 -27.19
C PRO A 134 5.06 -20.17 -28.26
N SER A 135 4.80 -18.93 -28.66
CA SER A 135 3.75 -18.61 -29.63
C SER A 135 2.50 -19.48 -29.47
N VAL A 136 1.97 -19.47 -28.27
CA VAL A 136 0.66 -20.04 -28.00
C VAL A 136 -0.08 -19.03 -27.15
N SER A 137 -1.20 -18.56 -27.66
CA SER A 137 -1.95 -17.47 -27.03
C SER A 137 -2.54 -17.88 -25.70
N LEU A 138 -2.75 -16.90 -24.82
CA LEU A 138 -3.54 -17.14 -23.63
C LEU A 138 -4.98 -17.26 -24.09
N LEU A 139 -5.73 -18.20 -23.54
CA LEU A 139 -7.08 -18.47 -24.05
C LEU A 139 -8.14 -17.52 -23.53
N THR A 140 -8.99 -17.05 -24.44
CA THR A 140 -10.08 -16.15 -24.06
C THR A 140 -10.89 -16.78 -22.94
N PRO A 141 -11.45 -15.95 -22.05
CA PRO A 141 -11.48 -14.49 -22.08
C PRO A 141 -10.24 -13.83 -21.48
N LYS A 142 -9.10 -14.52 -21.56
CA LYS A 142 -7.81 -13.97 -21.15
C LYS A 142 -7.79 -13.45 -19.72
N PRO A 143 -7.87 -14.36 -18.75
CA PRO A 143 -7.75 -13.99 -17.33
C PRO A 143 -6.31 -13.59 -17.04
N LEU A 144 -6.11 -12.46 -16.37
CA LEU A 144 -4.77 -12.14 -15.91
C LEU A 144 -4.13 -13.37 -15.27
N GLN A 145 -2.89 -13.62 -15.64
CA GLN A 145 -2.15 -14.77 -15.12
C GLN A 145 -1.05 -14.33 -14.16
N GLN A 146 -0.77 -15.16 -13.16
CA GLN A 146 0.27 -14.83 -12.20
C GLN A 146 1.19 -16.02 -12.00
N LEU A 147 2.34 -15.78 -11.38
CA LEU A 147 3.38 -16.79 -11.30
C LEU A 147 4.44 -16.37 -10.28
N GLU A 148 4.70 -17.23 -9.30
CA GLU A 148 5.78 -16.96 -8.36
C GLU A 148 7.11 -17.38 -8.97
N VAL A 149 8.07 -16.46 -8.97
CA VAL A 149 9.39 -16.75 -9.49
C VAL A 149 10.43 -16.20 -8.54
N PRO A 150 11.45 -17.00 -8.22
CA PRO A 150 12.55 -16.57 -7.35
C PRO A 150 13.54 -15.65 -8.07
N LEU A 151 14.03 -14.64 -7.35
CA LEU A 151 15.02 -13.72 -7.90
C LEU A 151 16.37 -14.40 -7.99
N ILE A 152 17.07 -14.13 -9.08
CA ILE A 152 18.38 -14.70 -9.31
C ILE A 152 19.39 -13.58 -9.55
N SER A 153 20.47 -13.59 -8.79
CA SER A 153 21.55 -12.61 -8.97
C SER A 153 21.96 -12.51 -10.45
N ARG A 154 22.51 -11.38 -10.84
CA ARG A 154 22.91 -11.20 -12.24
C ARG A 154 24.20 -11.94 -12.59
N GLU A 155 24.99 -12.30 -11.59
CA GLU A 155 26.19 -13.05 -11.82
C GLU A 155 25.83 -14.49 -12.16
N THR A 156 24.89 -15.04 -11.40
CA THR A 156 24.45 -16.42 -11.60
C THR A 156 23.65 -16.51 -12.89
N CYS A 157 22.90 -15.45 -13.16
CA CYS A 157 22.04 -15.44 -14.31
C CYS A 157 22.88 -15.40 -15.59
N ASN A 158 24.03 -14.73 -15.51
CA ASN A 158 24.96 -14.73 -16.64
C ASN A 158 25.66 -16.09 -16.80
N SER A 159 25.88 -16.78 -15.68
CA SER A 159 26.39 -18.14 -15.76
C SER A 159 25.42 -19.01 -16.56
N LEU A 160 24.13 -18.90 -16.22
CA LEU A 160 23.11 -19.70 -16.88
C LEU A 160 23.07 -19.40 -18.35
N TYR A 161 23.06 -18.13 -18.70
CA TYR A 161 22.88 -17.76 -20.09
C TYR A 161 24.04 -18.27 -20.96
N ASN A 162 25.21 -18.41 -20.36
CA ASN A 162 26.38 -18.89 -21.09
C ASN A 162 26.28 -20.36 -21.49
N ILE A 163 25.36 -21.08 -20.86
CA ILE A 163 25.19 -22.50 -21.15
C ILE A 163 24.51 -22.71 -22.51
N ASP A 164 25.26 -23.25 -23.46
CA ASP A 164 24.76 -23.43 -24.82
C ASP A 164 24.53 -22.10 -25.50
N ALA A 165 25.26 -21.08 -25.06
CA ALA A 165 25.16 -19.75 -25.65
C ALA A 165 25.56 -19.80 -27.11
N LYS A 166 24.76 -19.16 -27.96
CA LYS A 166 25.10 -19.03 -29.38
C LYS A 166 25.91 -17.76 -29.56
N PRO A 167 27.12 -17.89 -30.10
CA PRO A 167 28.02 -16.73 -30.21
C PRO A 167 27.31 -15.57 -30.88
N GLU A 168 26.46 -15.87 -31.85
CA GLU A 168 25.79 -14.83 -32.62
C GLU A 168 24.58 -14.22 -31.92
N GLU A 169 24.07 -14.91 -30.89
CA GLU A 169 22.94 -14.41 -30.10
C GLU A 169 23.34 -14.12 -28.67
N PRO A 170 24.09 -13.05 -28.46
CA PRO A 170 24.58 -12.77 -27.10
C PRO A 170 23.45 -12.25 -26.21
N HIS A 171 23.36 -12.83 -25.02
CA HIS A 171 22.49 -12.33 -23.98
C HIS A 171 23.35 -11.97 -22.77
N PHE A 172 23.35 -10.71 -22.39
CA PHE A 172 24.06 -10.30 -21.18
C PHE A 172 23.06 -9.60 -20.24
N VAL A 173 23.17 -9.87 -18.94
CA VAL A 173 22.35 -9.18 -17.95
C VAL A 173 23.14 -7.99 -17.41
N GLN A 174 22.70 -6.78 -17.75
CA GLN A 174 23.40 -5.57 -17.37
C GLN A 174 23.13 -5.18 -15.92
N GLU A 175 23.79 -4.11 -15.47
CA GLU A 175 23.62 -3.64 -14.11
C GLU A 175 22.20 -3.15 -13.79
N ASP A 176 21.45 -2.74 -14.82
CA ASP A 176 20.10 -2.25 -14.60
C ASP A 176 19.07 -3.36 -14.65
N MET A 177 19.53 -4.60 -14.55
CA MET A 177 18.63 -5.74 -14.74
C MET A 177 18.68 -6.71 -13.58
N VAL A 178 17.73 -7.63 -13.56
CA VAL A 178 17.75 -8.72 -12.59
C VAL A 178 17.05 -9.88 -13.24
N CYS A 179 17.37 -11.10 -12.80
CA CYS A 179 16.68 -12.27 -13.33
C CYS A 179 15.76 -12.89 -12.30
N ALA A 180 14.68 -13.48 -12.78
CA ALA A 180 13.78 -14.24 -11.94
C ALA A 180 13.25 -15.42 -12.75
N GLY A 181 13.16 -16.58 -12.10
CA GLY A 181 12.64 -17.76 -12.76
C GLY A 181 13.19 -19.05 -12.21
N TYR A 182 12.99 -20.12 -12.96
CA TYR A 182 13.51 -21.43 -12.59
C TYR A 182 14.51 -21.93 -13.63
N VAL A 183 15.55 -22.62 -13.20
CA VAL A 183 16.60 -23.01 -14.14
C VAL A 183 16.13 -24.12 -15.05
N GLU A 184 15.16 -24.92 -14.59
CA GLU A 184 14.64 -26.01 -15.40
C GLU A 184 13.52 -25.51 -16.28
N GLY A 185 13.20 -24.23 -16.13
CA GLY A 185 12.30 -23.56 -17.04
C GLY A 185 10.86 -23.94 -16.82
N GLY A 186 10.07 -23.83 -17.88
CA GLY A 186 8.65 -24.13 -17.80
C GLY A 186 7.85 -22.99 -17.18
N LYS A 187 8.55 -22.17 -16.40
CA LYS A 187 7.92 -21.04 -15.73
C LYS A 187 8.71 -19.77 -16.01
N ASP A 188 8.00 -18.75 -16.50
CA ASP A 188 8.63 -17.58 -17.05
C ASP A 188 7.55 -16.70 -17.63
N ALA A 189 7.89 -15.47 -17.99
CA ALA A 189 6.97 -14.58 -18.68
C ALA A 189 7.18 -14.73 -20.19
N CYS A 190 6.15 -14.47 -21.00
CA CYS A 190 6.30 -14.62 -22.44
C CYS A 190 5.88 -13.39 -23.25
N GLN A 191 5.76 -13.54 -24.56
CA GLN A 191 5.39 -12.40 -25.39
C GLN A 191 4.06 -11.79 -24.95
N GLY A 192 4.04 -10.48 -24.74
CA GLY A 192 2.84 -9.80 -24.30
C GLY A 192 2.88 -9.43 -22.83
N ASP A 193 3.91 -9.87 -22.13
CA ASP A 193 4.02 -9.59 -20.69
C ASP A 193 4.97 -8.44 -20.42
N SER A 194 5.64 -7.97 -21.47
CA SER A 194 6.56 -6.86 -21.33
C SER A 194 5.88 -5.67 -20.65
N GLY A 195 6.63 -5.02 -19.77
CA GLY A 195 6.15 -3.88 -19.02
C GLY A 195 5.49 -4.31 -17.73
N GLY A 196 5.26 -5.61 -17.61
CA GLY A 196 4.55 -6.14 -16.47
C GLY A 196 5.36 -5.98 -15.21
N PRO A 197 4.67 -6.03 -14.05
CA PRO A 197 5.36 -5.83 -12.79
C PRO A 197 6.00 -7.13 -12.36
N LEU A 198 7.18 -7.05 -11.78
CA LEU A 198 7.68 -8.10 -10.93
C LEU A 198 7.47 -7.58 -9.52
N SER A 199 6.43 -8.06 -8.86
CA SER A 199 6.07 -7.56 -7.54
C SER A 199 6.67 -8.46 -6.50
N CYS A 200 7.48 -7.88 -5.60
CA CYS A 200 8.09 -8.64 -4.52
C CYS A 200 7.55 -8.18 -3.17
N PRO A 201 7.04 -9.12 -2.38
CA PRO A 201 6.53 -8.81 -1.04
C PRO A 201 7.67 -8.60 -0.08
N VAL A 202 7.72 -7.46 0.60
CA VAL A 202 8.66 -7.32 1.69
C VAL A 202 7.93 -6.86 2.95
N GLU A 203 7.59 -7.82 3.79
CA GLU A 203 6.90 -7.56 5.06
C GLU A 203 5.44 -7.12 4.85
N GLY A 204 4.70 -7.93 4.09
CA GLY A 204 3.27 -7.72 3.89
C GLY A 204 3.01 -6.53 3.01
N LEU A 205 3.92 -6.29 2.07
CA LEU A 205 3.94 -5.03 1.35
C LEU A 205 4.60 -5.24 -0.01
N TRP A 206 3.90 -4.82 -1.07
CA TRP A 206 4.37 -5.09 -2.43
C TRP A 206 5.15 -3.96 -3.07
N TYR A 207 6.36 -4.28 -3.50
CA TYR A 207 7.25 -3.35 -4.17
C TYR A 207 7.38 -3.75 -5.62
N LEU A 208 7.54 -2.76 -6.49
CA LEU A 208 7.74 -3.03 -7.90
C LEU A 208 9.22 -3.23 -8.09
N THR A 209 9.65 -4.48 -8.06
CA THR A 209 11.08 -4.77 -8.15
C THR A 209 11.61 -4.68 -9.58
N GLY A 210 10.83 -5.17 -10.54
CA GLY A 210 11.27 -5.19 -11.92
C GLY A 210 10.15 -5.00 -12.92
N ILE A 211 10.55 -4.67 -14.14
CA ILE A 211 9.62 -4.58 -15.26
C ILE A 211 10.00 -5.68 -16.23
N VAL A 212 9.06 -6.57 -16.50
CA VAL A 212 9.29 -7.65 -17.46
C VAL A 212 9.93 -7.10 -18.72
N SER A 213 11.05 -7.70 -19.13
CA SER A 213 11.85 -7.12 -20.20
C SER A 213 12.10 -8.11 -21.33
N TRP A 214 12.97 -9.07 -21.11
CA TRP A 214 13.32 -10.02 -22.16
C TRP A 214 13.72 -11.38 -21.56
N GLY A 215 14.03 -12.32 -22.44
CA GLY A 215 14.44 -13.67 -22.06
C GLY A 215 14.71 -14.46 -23.33
N ASP A 216 15.46 -15.55 -23.24
CA ASP A 216 15.83 -16.30 -24.44
C ASP A 216 14.58 -16.85 -25.12
N ALA A 217 13.84 -17.69 -24.42
CA ALA A 217 12.55 -18.14 -24.93
C ALA A 217 11.48 -17.82 -23.89
N CYS A 218 10.87 -18.85 -23.35
CA CYS A 218 10.00 -18.70 -22.20
C CYS A 218 9.63 -20.09 -21.74
N GLY A 219 10.24 -20.51 -20.63
CA GLY A 219 10.14 -21.88 -20.19
C GLY A 219 11.38 -22.63 -20.65
N ALA A 220 12.37 -21.87 -21.11
CA ALA A 220 13.63 -22.43 -21.56
C ALA A 220 14.52 -22.77 -20.35
N ARG A 221 15.21 -23.90 -20.45
CA ARG A 221 16.14 -24.30 -19.40
C ARG A 221 17.39 -23.42 -19.47
N ASN A 222 17.87 -23.01 -18.29
CA ASN A 222 19.04 -22.12 -18.18
C ASN A 222 18.86 -20.75 -18.81
N ARG A 223 17.61 -20.32 -18.93
CA ARG A 223 17.30 -19.03 -19.53
C ARG A 223 16.14 -18.37 -18.82
N PRO A 224 16.30 -18.10 -17.52
CA PRO A 224 15.27 -17.42 -16.74
C PRO A 224 15.05 -16.02 -17.32
N GLY A 225 13.88 -15.45 -17.11
CA GLY A 225 13.57 -14.15 -17.64
C GLY A 225 14.36 -13.03 -16.98
N VAL A 226 14.60 -11.97 -17.75
CA VAL A 226 15.29 -10.81 -17.24
C VAL A 226 14.34 -9.64 -17.15
N TYR A 227 14.46 -8.89 -16.06
CA TYR A 227 13.57 -7.80 -15.74
C TYR A 227 14.40 -6.56 -15.57
N THR A 228 13.83 -5.42 -15.94
CA THR A 228 14.46 -4.14 -15.68
C THR A 228 14.25 -3.73 -14.23
N LEU A 229 15.34 -3.47 -13.51
CA LEU A 229 15.29 -3.03 -12.12
C LEU A 229 14.61 -1.68 -11.96
N ALA A 230 13.58 -1.63 -11.12
CA ALA A 230 12.94 -0.36 -10.80
C ALA A 230 13.87 0.55 -9.99
N SER A 231 14.62 -0.03 -9.06
CA SER A 231 15.46 0.75 -8.16
C SER A 231 16.55 1.50 -8.91
N SER A 232 17.03 0.91 -10.01
CA SER A 232 18.09 1.51 -10.81
C SER A 232 17.65 2.79 -11.49
N TYR A 233 16.34 3.04 -11.45
CA TYR A 233 15.77 4.19 -12.10
C TYR A 233 14.94 5.03 -11.16
N ALA A 234 14.94 4.69 -9.88
CA ALA A 234 14.15 5.44 -8.91
C ALA A 234 14.45 6.94 -9.03
N SER A 235 15.74 7.27 -9.06
CA SER A 235 16.17 8.65 -9.23
C SER A 235 15.40 9.33 -10.36
N TRP A 236 15.45 8.71 -11.54
CA TRP A 236 14.82 9.27 -12.71
C TRP A 236 13.31 9.40 -12.56
N ILE A 237 12.68 8.33 -12.12
CA ILE A 237 11.22 8.30 -12.02
C ILE A 237 10.72 9.33 -11.03
N GLN A 238 11.47 9.51 -9.95
CA GLN A 238 11.13 10.49 -8.94
C GLN A 238 11.16 11.90 -9.55
N SER A 239 11.89 12.04 -10.65
CA SER A 239 11.99 13.32 -11.34
C SER A 239 10.70 13.68 -12.10
N LYS A 240 9.62 12.96 -11.80
CA LYS A 240 8.28 13.29 -12.28
C LYS A 240 7.22 12.72 -11.33
N VAL A 241 7.14 13.29 -10.13
CA VAL A 241 6.17 12.89 -9.12
C VAL A 241 5.61 14.12 -8.39
N PRO B 2 15.40 -11.42 -53.70
CA PRO B 2 14.80 -11.66 -52.37
C PRO B 2 15.89 -11.76 -51.29
N ASP B 3 16.20 -12.98 -50.84
CA ASP B 3 17.39 -13.28 -50.03
C ASP B 3 17.13 -13.79 -48.60
N PHE B 4 17.22 -12.89 -47.63
CA PHE B 4 16.86 -13.16 -46.23
C PHE B 4 15.39 -13.55 -46.14
N CYS B 5 14.69 -13.44 -47.26
CA CYS B 5 13.30 -13.86 -47.33
C CYS B 5 13.16 -15.35 -47.07
N LEU B 6 14.31 -16.03 -46.95
CA LEU B 6 14.32 -17.47 -46.69
C LEU B 6 14.45 -17.79 -45.22
N GLU B 7 14.82 -16.81 -44.41
CA GLU B 7 14.94 -17.07 -42.99
C GLU B 7 13.55 -17.18 -42.37
N PRO B 8 13.42 -18.02 -41.33
CA PRO B 8 12.20 -18.11 -40.53
C PRO B 8 11.95 -16.81 -39.79
N PRO B 9 10.70 -16.56 -39.39
CA PRO B 9 10.39 -15.39 -38.57
C PRO B 9 11.14 -15.45 -37.26
N TYR B 10 11.71 -14.33 -36.84
CA TYR B 10 12.48 -14.23 -35.61
C TYR B 10 11.77 -13.33 -34.60
N THR B 11 11.31 -13.93 -33.50
CA THR B 11 10.59 -13.19 -32.46
C THR B 11 11.52 -12.35 -31.61
N GLY B 12 12.69 -12.86 -31.31
CA GLY B 12 13.66 -12.08 -30.57
C GLY B 12 13.40 -12.11 -29.07
N PRO B 13 14.34 -11.58 -28.28
CA PRO B 13 14.39 -11.76 -26.83
C PRO B 13 13.33 -10.99 -26.05
N CYS B 14 12.91 -9.85 -26.57
CA CYS B 14 11.98 -9.00 -25.84
C CYS B 14 10.59 -9.57 -25.84
N LYS B 15 9.78 -9.20 -24.85
CA LYS B 15 8.50 -9.86 -24.68
C LYS B 15 7.27 -9.02 -24.88
N ALA B 16 7.30 -8.11 -25.84
CA ALA B 16 6.11 -7.40 -26.23
C ALA B 16 5.36 -8.27 -27.24
N ARG B 17 4.10 -7.94 -27.50
CA ARG B 17 3.35 -8.60 -28.56
C ARG B 17 3.08 -7.64 -29.71
N ILE B 18 4.07 -7.45 -30.57
CA ILE B 18 3.94 -6.61 -31.74
C ILE B 18 3.77 -7.45 -33.00
N ILE B 19 2.66 -7.27 -33.69
CA ILE B 19 2.33 -8.09 -34.86
C ILE B 19 3.08 -7.62 -36.10
N ARG B 20 3.75 -8.54 -36.77
CA ARG B 20 4.53 -8.21 -37.96
C ARG B 20 4.31 -9.25 -39.04
N TYR B 21 4.72 -8.91 -40.26
CA TYR B 21 4.61 -9.81 -41.39
C TYR B 21 5.97 -10.36 -41.78
N PHE B 22 6.00 -11.63 -42.19
CA PHE B 22 7.19 -12.22 -42.74
C PHE B 22 6.81 -13.02 -43.97
N TYR B 23 7.77 -13.23 -44.87
CA TYR B 23 7.47 -13.96 -46.09
C TYR B 23 7.70 -15.42 -45.81
N ASN B 24 6.68 -16.23 -46.09
CA ASN B 24 6.80 -17.66 -45.98
C ASN B 24 7.14 -18.19 -47.36
N ALA B 25 8.42 -18.39 -47.65
CA ALA B 25 8.84 -18.70 -49.01
C ALA B 25 8.37 -20.05 -49.50
N LYS B 26 8.17 -20.99 -48.58
CA LYS B 26 7.67 -22.32 -48.95
C LYS B 26 6.22 -22.20 -49.34
N ALA B 27 5.51 -21.32 -48.64
CA ALA B 27 4.09 -21.15 -48.83
C ALA B 27 3.76 -20.21 -49.98
N GLY B 28 4.74 -19.42 -50.39
CA GLY B 28 4.53 -18.35 -51.37
C GLY B 28 3.61 -17.26 -50.83
N LEU B 29 3.76 -16.95 -49.54
CA LEU B 29 2.74 -16.19 -48.84
C LEU B 29 3.33 -15.23 -47.80
N CYS B 30 2.69 -14.09 -47.63
CA CYS B 30 3.05 -13.13 -46.57
C CYS B 30 2.25 -13.34 -45.30
N GLN B 31 2.93 -13.83 -44.27
CA GLN B 31 2.31 -14.35 -43.07
C GLN B 31 2.53 -13.45 -41.86
N THR B 32 1.58 -13.47 -40.94
CA THR B 32 1.72 -12.69 -39.72
C THR B 32 2.45 -13.49 -38.66
N PHE B 33 3.36 -12.83 -37.96
CA PHE B 33 3.95 -13.41 -36.76
C PHE B 33 3.99 -12.40 -35.62
N VAL B 34 4.35 -12.87 -34.43
CA VAL B 34 4.48 -11.99 -33.28
C VAL B 34 5.93 -11.64 -33.07
N TYR B 35 6.22 -10.34 -33.20
CA TYR B 35 7.54 -9.82 -32.94
C TYR B 35 7.58 -9.29 -31.50
N GLY B 36 8.74 -9.42 -30.85
CA GLY B 36 8.89 -9.09 -29.45
C GLY B 36 9.29 -7.66 -29.16
N GLY B 37 9.79 -6.96 -30.17
CA GLY B 37 10.22 -5.58 -29.98
C GLY B 37 11.72 -5.33 -30.05
N CYS B 38 12.53 -6.36 -30.28
CA CYS B 38 13.93 -6.06 -30.55
C CYS B 38 14.68 -7.17 -31.27
N ARG B 39 15.80 -6.76 -31.89
CA ARG B 39 16.70 -7.66 -32.58
C ARG B 39 16.03 -8.28 -33.80
N ALA B 40 15.03 -7.58 -34.31
CA ALA B 40 14.37 -7.96 -35.56
C ALA B 40 15.37 -8.28 -36.66
N LYS B 41 15.13 -9.38 -37.36
CA LYS B 41 15.85 -9.68 -38.59
C LYS B 41 15.24 -8.91 -39.75
N ARG B 42 15.62 -9.28 -40.96
CA ARG B 42 15.20 -8.51 -42.11
C ARG B 42 13.89 -8.98 -42.71
N ASN B 43 13.55 -10.24 -42.44
CA ASN B 43 12.30 -10.84 -42.88
C ASN B 43 11.21 -10.48 -41.88
N ASN B 44 10.88 -9.20 -41.84
CA ASN B 44 10.05 -8.64 -40.79
C ASN B 44 9.52 -7.29 -41.26
N PHE B 45 8.24 -7.24 -41.54
CA PHE B 45 7.68 -6.07 -42.19
C PHE B 45 6.57 -5.49 -41.36
N LYS B 46 6.39 -4.18 -41.46
CA LYS B 46 5.33 -3.50 -40.74
C LYS B 46 3.99 -3.75 -41.43
N SER B 47 4.03 -4.14 -42.70
CA SER B 47 2.81 -4.29 -43.47
C SER B 47 2.90 -5.41 -44.50
N ALA B 48 1.74 -5.98 -44.85
CA ALA B 48 1.67 -7.08 -45.82
C ALA B 48 2.28 -6.72 -47.19
N GLU B 49 2.05 -5.50 -47.64
CA GLU B 49 2.52 -5.10 -48.96
C GLU B 49 3.98 -4.68 -48.96
N ASP B 50 4.44 -4.13 -47.84
CA ASP B 50 5.86 -3.87 -47.63
C ASP B 50 6.60 -5.19 -47.85
N CYS B 51 5.92 -6.27 -47.48
CA CYS B 51 6.44 -7.61 -47.58
C CYS B 51 6.42 -8.15 -49.01
N MET B 52 5.24 -8.38 -49.58
CA MET B 52 5.16 -8.89 -50.94
C MET B 52 6.06 -8.11 -51.87
N ARG B 53 6.05 -6.79 -51.71
CA ARG B 53 6.92 -5.91 -52.48
C ARG B 53 8.39 -6.34 -52.42
N THR B 54 8.96 -6.37 -51.22
CA THR B 54 10.34 -6.83 -51.04
C THR B 54 10.56 -8.26 -51.53
N CYS B 55 9.55 -9.12 -51.38
CA CYS B 55 9.67 -10.50 -51.82
C CYS B 55 8.33 -11.20 -52.05
N ILE C 1 -13.52 3.57 14.49
CA ILE C 1 -12.71 2.66 13.69
C ILE C 1 -13.18 2.64 12.24
N THR C 2 -12.34 3.15 11.35
CA THR C 2 -12.74 3.31 9.97
C THR C 2 -12.49 2.09 9.09
N GLY C 3 -13.56 1.53 8.56
CA GLY C 3 -13.45 0.38 7.66
C GLY C 3 -13.38 -0.95 8.37
N GLY C 4 -13.89 -0.99 9.60
CA GLY C 4 -13.85 -2.21 10.38
C GLY C 4 -15.15 -2.99 10.35
N SER C 5 -15.45 -3.63 11.47
CA SER C 5 -16.67 -4.40 11.62
C SER C 5 -16.98 -4.51 13.11
N SER C 6 -18.22 -4.80 13.43
CA SER C 6 -18.66 -4.89 14.81
C SER C 6 -18.15 -6.14 15.50
N ALA C 7 -17.55 -5.97 16.67
CA ALA C 7 -17.10 -7.11 17.45
C ALA C 7 -18.31 -7.82 18.08
N VAL C 8 -18.17 -9.08 18.42
CA VAL C 8 -19.24 -9.74 19.17
C VAL C 8 -19.13 -9.25 20.61
N ALA C 9 -20.23 -9.29 21.34
CA ALA C 9 -20.17 -8.85 22.72
C ALA C 9 -19.28 -9.79 23.52
N GLY C 10 -18.25 -9.23 24.16
CA GLY C 10 -17.34 -9.99 24.98
C GLY C 10 -16.11 -10.49 24.26
N GLN C 11 -15.91 -10.08 23.02
CA GLN C 11 -14.76 -10.54 22.26
C GLN C 11 -13.46 -9.81 22.60
N TRP C 12 -13.57 -8.63 23.19
CA TRP C 12 -12.37 -7.87 23.54
C TRP C 12 -12.39 -7.37 24.99
N PRO C 13 -12.49 -8.29 25.94
CA PRO C 13 -12.72 -7.98 27.36
C PRO C 13 -11.79 -6.93 27.96
N TRP C 14 -10.70 -6.58 27.28
CA TRP C 14 -9.78 -5.59 27.84
C TRP C 14 -10.08 -4.17 27.39
N GLN C 15 -10.97 -4.05 26.41
CA GLN C 15 -11.39 -2.74 25.90
C GLN C 15 -12.21 -1.94 26.92
N VAL C 16 -11.86 -0.68 27.11
CA VAL C 16 -12.63 0.17 27.99
C VAL C 16 -12.99 1.47 27.31
N SER C 17 -14.09 2.07 27.74
CA SER C 17 -14.47 3.38 27.27
C SER C 17 -14.04 4.43 28.30
N ILE C 18 -13.65 5.62 27.83
CA ILE C 18 -13.31 6.71 28.74
C ILE C 18 -14.22 7.88 28.50
N THR C 19 -14.86 8.33 29.57
CA THR C 19 -15.78 9.44 29.48
C THR C 19 -15.30 10.60 30.36
N TYR C 20 -15.35 11.79 29.78
CA TYR C 20 -15.16 13.01 30.56
C TYR C 20 -16.48 13.74 30.54
N GLU C 21 -17.01 14.02 31.73
CA GLU C 21 -18.33 14.61 31.87
C GLU C 21 -19.34 13.80 31.08
N GLY C 22 -19.27 12.48 31.23
CA GLY C 22 -20.22 11.59 30.60
C GLY C 22 -20.15 11.48 29.08
N VAL C 23 -19.12 12.05 28.48
CA VAL C 23 -18.93 11.89 27.04
C VAL C 23 -17.71 11.03 26.74
N HIS C 24 -17.87 10.06 25.85
CA HIS C 24 -16.75 9.22 25.45
C HIS C 24 -15.72 10.04 24.71
N VAL C 25 -14.47 10.02 25.20
CA VAL C 25 -13.40 10.75 24.51
C VAL C 25 -12.29 9.84 24.03
N CYS C 26 -12.02 8.78 24.78
CA CYS C 26 -10.90 7.90 24.53
C CYS C 26 -11.27 6.47 24.81
N GLY C 27 -10.56 5.56 24.15
CA GLY C 27 -10.62 4.17 24.51
C GLY C 27 -9.54 3.94 25.55
N GLY C 28 -9.46 2.72 26.04
CA GLY C 28 -8.42 2.37 26.98
C GLY C 28 -8.33 0.87 26.98
N SER C 29 -7.28 0.37 27.60
CA SER C 29 -7.08 -1.06 27.71
C SER C 29 -6.77 -1.38 29.15
N LEU C 30 -7.48 -2.36 29.68
CA LEU C 30 -7.32 -2.82 31.04
C LEU C 30 -6.13 -3.78 31.17
N VAL C 31 -5.29 -3.57 32.18
CA VAL C 31 -4.08 -4.36 32.33
C VAL C 31 -3.97 -5.10 33.67
N SER C 32 -4.77 -4.71 34.65
CA SER C 32 -4.86 -5.46 35.91
C SER C 32 -6.18 -5.22 36.61
N GLU C 33 -6.33 -5.76 37.83
CA GLU C 33 -7.56 -5.63 38.60
C GLU C 33 -7.99 -4.18 38.82
N GLN C 34 -7.05 -3.25 38.65
CA GLN C 34 -7.30 -1.86 39.03
C GLN C 34 -6.63 -0.81 38.15
N TRP C 35 -5.99 -1.22 37.06
CA TRP C 35 -5.21 -0.31 36.21
C TRP C 35 -5.61 -0.34 34.73
N VAL C 36 -5.43 0.79 34.06
CA VAL C 36 -5.81 0.93 32.66
C VAL C 36 -4.76 1.70 31.88
N LEU C 37 -4.34 1.17 30.74
CA LEU C 37 -3.47 1.93 29.85
C LEU C 37 -4.28 2.76 28.86
N SER C 38 -3.87 4.01 28.66
CA SER C 38 -4.47 4.82 27.62
C SER C 38 -3.43 5.79 27.07
N ALA C 39 -3.89 6.96 26.60
CA ALA C 39 -3.02 7.91 25.95
C ALA C 39 -2.97 9.24 26.69
N ALA C 40 -1.80 9.84 26.77
CA ALA C 40 -1.62 11.06 27.52
C ALA C 40 -2.51 12.20 27.03
N HIS C 41 -2.70 12.32 25.71
CA HIS C 41 -3.44 13.45 25.16
C HIS C 41 -4.94 13.36 25.41
N CYS C 42 -5.38 12.21 25.90
CA CYS C 42 -6.79 12.04 26.23
C CYS C 42 -7.07 12.71 27.56
N PHE C 43 -6.02 13.26 28.15
CA PHE C 43 -6.12 13.84 29.50
C PHE C 43 -5.38 15.17 29.65
N PRO C 44 -5.90 16.22 28.99
CA PRO C 44 -5.32 17.55 29.13
C PRO C 44 -5.43 18.01 30.58
N SER C 45 -4.45 18.79 31.03
CA SER C 45 -4.40 19.23 32.42
C SER C 45 -5.62 20.06 32.85
N GLU C 46 -6.30 20.65 31.87
CA GLU C 46 -7.46 21.51 32.14
C GLU C 46 -8.64 20.72 32.67
N HIS C 47 -8.66 19.41 32.40
CA HIS C 47 -9.75 18.56 32.84
C HIS C 47 -9.58 18.13 34.29
N HIS C 48 -10.69 17.74 34.91
CA HIS C 48 -10.69 17.40 36.32
C HIS C 48 -10.82 15.91 36.51
N LYS C 49 -9.89 15.32 37.27
CA LYS C 49 -9.88 13.89 37.50
C LYS C 49 -11.25 13.38 37.94
N GLU C 50 -11.92 14.14 38.78
CA GLU C 50 -13.22 13.73 39.33
C GLU C 50 -14.28 13.54 38.25
N ALA C 51 -14.06 14.15 37.09
CA ALA C 51 -15.03 14.11 35.99
C ALA C 51 -14.65 13.08 34.93
N TYR C 52 -13.61 12.30 35.22
CA TYR C 52 -13.28 11.15 34.39
C TYR C 52 -13.94 9.87 34.93
N GLU C 53 -14.66 9.18 34.06
CA GLU C 53 -15.20 7.85 34.38
C GLU C 53 -14.69 6.85 33.36
N VAL C 54 -14.89 5.56 33.66
CA VAL C 54 -14.41 4.49 32.81
C VAL C 54 -15.46 3.40 32.71
N LYS C 55 -15.76 2.96 31.49
CA LYS C 55 -16.75 1.91 31.32
C LYS C 55 -16.10 0.62 30.86
N LEU C 56 -16.41 -0.49 31.53
CA LEU C 56 -15.84 -1.79 31.16
C LEU C 56 -16.90 -2.86 30.92
N GLY C 57 -16.56 -3.80 30.04
CA GLY C 57 -17.49 -4.85 29.63
C GLY C 57 -18.55 -4.22 28.76
N ALA C 58 -18.20 -3.07 28.19
CA ALA C 58 -19.13 -2.28 27.41
C ALA C 58 -19.01 -2.63 25.94
N HIS C 59 -19.99 -3.33 25.39
CA HIS C 59 -19.97 -3.68 23.97
C HIS C 59 -20.63 -2.62 23.06
N GLN C 60 -21.89 -2.30 23.35
CA GLN C 60 -22.60 -1.22 22.64
C GLN C 60 -22.62 0.01 23.54
N LEU C 61 -21.82 1.00 23.20
CA LEU C 61 -21.64 2.18 24.05
C LEU C 61 -22.92 2.87 24.50
N ASP C 62 -23.97 2.83 23.68
CA ASP C 62 -25.22 3.54 23.98
C ASP C 62 -26.35 2.64 24.44
N SER C 63 -26.00 1.62 25.23
CA SER C 63 -26.95 0.59 25.62
C SER C 63 -26.65 0.18 27.04
N TYR C 64 -27.69 -0.06 27.82
CA TYR C 64 -27.51 -0.59 29.16
C TYR C 64 -27.04 -2.04 29.08
N SER C 65 -25.77 -2.28 29.37
CA SER C 65 -25.27 -3.65 29.44
C SER C 65 -25.38 -4.17 30.87
N GLU C 66 -25.88 -5.39 31.01
CA GLU C 66 -26.01 -6.01 32.32
C GLU C 66 -24.67 -5.91 33.05
N ASP C 67 -23.74 -6.76 32.65
CA ASP C 67 -22.41 -6.78 33.25
C ASP C 67 -21.48 -5.79 32.59
N ALA C 68 -21.57 -4.53 32.99
CA ALA C 68 -20.68 -3.49 32.47
C ALA C 68 -20.31 -2.53 33.59
N LYS C 69 -19.32 -2.88 34.39
CA LYS C 69 -18.95 -2.05 35.52
C LYS C 69 -18.51 -0.64 35.08
N VAL C 70 -18.77 0.34 35.94
CA VAL C 70 -18.29 1.70 35.74
C VAL C 70 -17.48 2.13 36.95
N SER C 71 -16.37 2.81 36.72
CA SER C 71 -15.55 3.25 37.85
C SER C 71 -15.05 4.67 37.69
N THR C 72 -14.86 5.34 38.81
CA THR C 72 -14.17 6.62 38.82
C THR C 72 -12.68 6.33 38.89
N LEU C 73 -11.87 7.38 38.86
CA LEU C 73 -10.43 7.20 38.85
C LEU C 73 -9.80 7.70 40.13
N LYS C 74 -8.98 6.84 40.73
CA LYS C 74 -8.22 7.20 41.92
C LYS C 74 -7.01 8.03 41.50
N ASP C 75 -6.39 7.65 40.40
CA ASP C 75 -5.14 8.27 39.92
C ASP C 75 -5.05 8.34 38.40
N ILE C 76 -4.29 9.32 37.91
CA ILE C 76 -3.95 9.42 36.50
C ILE C 76 -2.50 9.82 36.37
N ILE C 77 -1.68 8.92 35.85
CA ILE C 77 -0.27 9.18 35.68
C ILE C 77 0.14 9.14 34.23
N PRO C 78 0.17 10.30 33.57
CA PRO C 78 0.75 10.37 32.22
C PRO C 78 2.24 10.13 32.34
N HIS C 79 2.88 9.58 31.32
CA HIS C 79 4.31 9.34 31.38
C HIS C 79 5.06 10.65 31.60
N PRO C 80 6.05 10.64 32.52
CA PRO C 80 6.92 11.77 32.82
C PRO C 80 7.42 12.49 31.58
N SER C 81 7.62 11.75 30.49
CA SER C 81 8.17 12.32 29.26
C SER C 81 7.19 13.20 28.49
N TYR C 82 5.94 13.27 28.94
CA TYR C 82 4.90 13.85 28.09
C TYR C 82 4.74 15.37 28.15
N LEU C 83 4.51 15.92 29.33
CA LEU C 83 4.18 17.34 29.44
C LEU C 83 5.24 18.29 28.87
N GLN C 84 6.36 17.72 28.45
CA GLN C 84 7.42 18.52 27.83
C GLN C 84 7.77 18.03 26.43
N GLU C 85 6.80 17.46 25.73
CA GLU C 85 7.07 16.90 24.42
C GLU C 85 6.02 17.24 23.38
N GLY C 86 4.84 16.63 23.50
CA GLY C 86 3.86 16.70 22.44
C GLY C 86 4.53 16.11 21.21
N SER C 87 5.46 15.19 21.48
CA SER C 87 6.25 14.55 20.43
C SER C 87 6.58 13.11 20.78
N GLN C 88 6.39 12.75 22.04
CA GLN C 88 6.78 11.43 22.52
C GLN C 88 6.36 11.22 23.96
N GLY C 89 6.13 9.96 24.33
CA GLY C 89 5.70 9.60 25.67
C GLY C 89 4.19 9.67 25.82
N ASP C 90 3.48 9.30 24.77
CA ASP C 90 2.04 9.50 24.70
C ASP C 90 1.25 8.34 25.32
N ILE C 91 1.40 8.20 26.64
CA ILE C 91 0.72 7.13 27.35
C ILE C 91 0.47 7.47 28.82
N ALA C 92 -0.63 6.96 29.37
CA ALA C 92 -0.99 7.21 30.75
C ALA C 92 -1.54 5.96 31.43
N LEU C 93 -1.32 5.88 32.72
CA LEU C 93 -1.89 4.81 33.52
C LEU C 93 -3.05 5.38 34.29
N LEU C 94 -4.16 4.65 34.29
CA LEU C 94 -5.32 5.05 35.05
C LEU C 94 -5.55 4.06 36.18
N GLN C 95 -5.45 4.55 37.42
CA GLN C 95 -5.78 3.73 38.56
C GLN C 95 -7.24 3.91 38.95
N LEU C 96 -7.98 2.81 38.90
CA LEU C 96 -9.37 2.79 39.33
C LEU C 96 -9.53 3.07 40.82
N SER C 97 -10.69 3.60 41.21
CA SER C 97 -10.96 3.91 42.60
C SER C 97 -11.03 2.66 43.47
N ARG C 98 -11.61 1.60 42.93
CA ARG C 98 -11.58 0.31 43.58
C ARG C 98 -11.25 -0.77 42.55
N PRO C 99 -10.52 -1.81 42.97
CA PRO C 99 -10.22 -2.91 42.06
C PRO C 99 -11.53 -3.51 41.62
N ILE C 100 -11.64 -3.95 40.37
CA ILE C 100 -12.89 -4.50 39.90
C ILE C 100 -12.80 -6.00 39.75
N THR C 101 -13.95 -6.65 39.63
CA THR C 101 -14.00 -8.10 39.50
C THR C 101 -14.05 -8.50 38.04
N PHE C 102 -13.16 -9.42 37.65
CA PHE C 102 -13.14 -9.97 36.30
C PHE C 102 -14.31 -10.90 36.03
N SER C 103 -14.81 -10.82 34.81
CA SER C 103 -15.91 -11.64 34.34
C SER C 103 -15.58 -12.01 32.92
N ARG C 104 -16.51 -12.68 32.25
CA ARG C 104 -16.30 -13.09 30.88
C ARG C 104 -16.10 -11.88 29.98
N TYR C 105 -16.65 -10.75 30.42
CA TYR C 105 -16.69 -9.54 29.59
C TYR C 105 -15.67 -8.50 30.01
N ILE C 106 -15.02 -8.73 31.14
CA ILE C 106 -14.01 -7.82 31.66
C ILE C 106 -12.76 -8.61 32.04
N ARG C 107 -11.67 -8.36 31.31
CA ARG C 107 -10.44 -9.13 31.44
C ARG C 107 -9.28 -8.34 30.85
N PRO C 108 -8.15 -8.31 31.56
CA PRO C 108 -6.99 -7.55 31.10
C PRO C 108 -6.23 -8.26 29.98
N ILE C 109 -5.51 -7.47 29.18
CA ILE C 109 -4.57 -8.01 28.20
C ILE C 109 -3.15 -8.06 28.81
N SER C 110 -2.34 -8.97 28.31
CA SER C 110 -0.97 -9.08 28.82
C SER C 110 -0.08 -8.04 28.16
N LEU C 111 0.81 -7.43 28.93
CA LEU C 111 1.78 -6.53 28.35
C LEU C 111 2.99 -7.33 27.87
N PRO C 112 3.60 -6.87 26.77
CA PRO C 112 4.86 -7.41 26.24
C PRO C 112 6.06 -6.93 27.07
N ALA C 113 7.02 -7.81 27.31
CA ALA C 113 8.24 -7.40 28.00
C ALA C 113 8.98 -6.34 27.20
N ALA C 114 9.93 -5.64 27.84
CA ALA C 114 10.65 -4.55 27.21
C ALA C 114 11.45 -4.97 25.98
N GLN C 115 11.94 -6.21 26.00
CA GLN C 115 12.74 -6.71 24.90
C GLN C 115 11.91 -7.60 23.99
N ALA C 116 10.72 -7.12 23.61
CA ALA C 116 9.83 -7.92 22.79
C ALA C 116 9.61 -7.25 21.45
N SER C 117 9.79 -8.02 20.38
CA SER C 117 9.67 -7.50 19.03
C SER C 117 8.63 -8.32 18.25
N PHE C 118 7.76 -7.62 17.53
CA PHE C 118 6.77 -8.28 16.70
C PHE C 118 7.13 -8.09 15.23
N PRO C 119 7.14 -9.19 14.46
CA PRO C 119 7.53 -9.14 13.05
C PRO C 119 6.64 -8.20 12.27
N ASN C 120 7.20 -7.59 11.22
CA ASN C 120 6.44 -6.69 10.38
C ASN C 120 5.41 -7.47 9.58
N GLY C 121 4.30 -6.82 9.25
CA GLY C 121 3.28 -7.46 8.47
C GLY C 121 2.43 -8.40 9.30
N LEU C 122 2.83 -8.59 10.56
CA LEU C 122 2.00 -9.31 11.49
C LEU C 122 0.66 -8.60 11.58
N HIS C 123 -0.42 -9.38 11.45
CA HIS C 123 -1.76 -8.82 11.49
C HIS C 123 -2.28 -8.70 12.90
N CYS C 124 -2.63 -7.48 13.26
CA CYS C 124 -3.09 -7.20 14.60
C CYS C 124 -4.44 -6.56 14.51
N THR C 125 -5.14 -6.49 15.63
CA THR C 125 -6.47 -5.90 15.66
C THR C 125 -6.45 -4.65 16.51
N VAL C 126 -6.98 -3.57 15.97
CA VAL C 126 -7.30 -2.39 16.76
C VAL C 126 -8.81 -2.34 16.98
N THR C 127 -9.24 -1.79 18.10
CA THR C 127 -10.66 -1.78 18.45
C THR C 127 -11.10 -0.45 19.09
N GLY C 128 -12.17 0.12 18.58
CA GLY C 128 -12.64 1.38 19.13
C GLY C 128 -14.08 1.73 18.82
N TRP C 129 -14.53 2.85 19.38
CA TRP C 129 -15.84 3.40 19.07
C TRP C 129 -15.67 4.72 18.32
N GLY C 130 -14.55 4.85 17.61
CA GLY C 130 -14.21 6.11 16.97
C GLY C 130 -15.08 6.40 15.76
N HIS C 131 -14.83 7.52 15.10
CA HIS C 131 -15.55 7.83 13.88
C HIS C 131 -15.31 6.75 12.87
N VAL C 132 -16.31 6.45 12.06
CA VAL C 132 -16.19 5.44 11.02
C VAL C 132 -15.66 6.08 9.73
N ALA C 133 -15.39 7.38 9.79
CA ALA C 133 -14.84 8.11 8.66
C ALA C 133 -14.50 9.51 9.13
N PRO C 134 -13.76 10.26 8.31
CA PRO C 134 -13.41 11.63 8.69
C PRO C 134 -14.65 12.37 9.20
N SER C 135 -14.60 12.76 10.47
CA SER C 135 -15.74 13.39 11.13
C SER C 135 -17.09 12.84 10.69
N VAL C 136 -17.24 11.52 10.84
CA VAL C 136 -18.51 10.86 10.71
C VAL C 136 -18.61 9.90 11.87
N SER C 137 -19.63 10.10 12.69
CA SER C 137 -19.79 9.35 13.93
C SER C 137 -20.06 7.86 13.69
N LEU C 138 -19.68 7.03 14.64
CA LEU C 138 -20.13 5.65 14.62
C LEU C 138 -21.61 5.68 14.99
N LEU C 139 -22.42 4.86 14.32
CA LEU C 139 -23.87 4.96 14.50
C LEU C 139 -24.39 4.21 15.72
N THR C 140 -25.27 4.87 16.47
CA THR C 140 -25.86 4.26 17.66
C THR C 140 -26.45 2.91 17.28
N PRO C 141 -26.43 1.94 18.21
CA PRO C 141 -26.03 2.06 19.61
C PRO C 141 -24.52 1.88 19.82
N LYS C 142 -23.74 2.25 18.81
CA LYS C 142 -22.29 2.25 18.90
C LYS C 142 -21.70 0.93 19.35
N PRO C 143 -21.74 -0.07 18.47
CA PRO C 143 -21.12 -1.36 18.76
C PRO C 143 -19.61 -1.20 18.67
N LEU C 144 -18.88 -1.70 19.66
CA LEU C 144 -17.44 -1.74 19.53
C LEU C 144 -17.07 -2.26 18.12
N GLN C 145 -16.14 -1.57 17.48
CA GLN C 145 -15.66 -1.93 16.16
C GLN C 145 -14.24 -2.49 16.22
N GLN C 146 -13.95 -3.43 15.31
CA GLN C 146 -12.63 -4.04 15.26
C GLN C 146 -12.10 -4.02 13.82
N LEU C 147 -10.81 -4.26 13.67
CA LEU C 147 -10.16 -4.11 12.39
C LEU C 147 -8.79 -4.75 12.42
N GLU C 148 -8.53 -5.66 11.49
CA GLU C 148 -7.20 -6.24 11.38
C GLU C 148 -6.30 -5.31 10.58
N VAL C 149 -5.15 -4.99 11.15
CA VAL C 149 -4.19 -4.13 10.48
C VAL C 149 -2.78 -4.68 10.67
N PRO C 150 -2.01 -4.74 9.57
CA PRO C 150 -0.63 -5.25 9.60
C PRO C 150 0.33 -4.23 10.20
N LEU C 151 1.28 -4.70 10.99
CA LEU C 151 2.31 -3.84 11.54
C LEU C 151 3.29 -3.40 10.46
N ILE C 152 3.68 -2.14 10.53
CA ILE C 152 4.63 -1.59 9.58
C ILE C 152 5.82 -0.98 10.33
N SER C 153 7.04 -1.40 9.96
CA SER C 153 8.25 -0.86 10.56
C SER C 153 8.23 0.66 10.57
N ARG C 154 8.97 1.27 11.49
CA ARG C 154 8.98 2.74 11.58
C ARG C 154 9.82 3.40 10.49
N GLU C 155 10.72 2.64 9.88
CA GLU C 155 11.51 3.16 8.77
C GLU C 155 10.64 3.28 7.52
N THR C 156 9.85 2.24 7.27
CA THR C 156 8.94 2.22 6.13
C THR C 156 7.80 3.21 6.33
N CYS C 157 7.37 3.33 7.58
CA CYS C 157 6.25 4.20 7.89
C CYS C 157 6.65 5.66 7.71
N ASN C 158 7.92 5.96 7.96
CA ASN C 158 8.43 7.30 7.72
C ASN C 158 8.58 7.57 6.22
N SER C 159 8.90 6.54 5.45
CA SER C 159 8.93 6.68 4.00
C SER C 159 7.54 7.10 3.52
N LEU C 160 6.52 6.40 4.00
CA LEU C 160 5.15 6.70 3.60
C LEU C 160 4.77 8.11 3.95
N TYR C 161 5.05 8.51 5.18
CA TYR C 161 4.61 9.81 5.62
C TYR C 161 5.25 10.94 4.81
N ASN C 162 6.44 10.70 4.28
CA ASN C 162 7.14 11.71 3.48
C ASN C 162 6.47 11.97 2.13
N ILE C 163 5.58 11.07 1.72
CA ILE C 163 4.91 11.21 0.43
C ILE C 163 3.83 12.29 0.48
N ASP C 164 4.08 13.39 -0.23
CA ASP C 164 3.18 14.53 -0.20
C ASP C 164 3.17 15.19 1.16
N ALA C 165 4.28 15.04 1.88
CA ALA C 165 4.43 15.66 3.19
C ALA C 165 4.36 17.17 3.07
N LYS C 166 3.59 17.79 3.96
CA LYS C 166 3.52 19.24 4.01
C LYS C 166 4.59 19.73 4.98
N PRO C 167 5.49 20.59 4.49
CA PRO C 167 6.63 21.02 5.31
C PRO C 167 6.16 21.54 6.66
N GLU C 168 5.01 22.21 6.67
CA GLU C 168 4.50 22.82 7.88
C GLU C 168 3.79 21.84 8.82
N GLU C 169 3.42 20.66 8.30
CA GLU C 169 2.78 19.61 9.10
C GLU C 169 3.65 18.38 9.21
N PRO C 170 4.73 18.46 9.99
CA PRO C 170 5.65 17.31 10.05
C PRO C 170 5.06 16.17 10.86
N HIS C 171 5.14 14.97 10.29
CA HIS C 171 4.81 13.75 11.02
C HIS C 171 6.04 12.87 11.05
N PHE C 172 6.54 12.57 12.23
CA PHE C 172 7.66 11.66 12.36
C PHE C 172 7.27 10.53 13.32
N VAL C 173 7.63 9.30 12.97
CA VAL C 173 7.41 8.16 13.85
C VAL C 173 8.65 7.94 14.71
N GLN C 174 8.53 8.22 16.00
CA GLN C 174 9.67 8.13 16.93
C GLN C 174 9.96 6.68 17.35
N GLU C 175 11.01 6.51 18.14
CA GLU C 175 11.41 5.18 18.59
C GLU C 175 10.36 4.51 19.48
N ASP C 176 9.51 5.30 20.13
CA ASP C 176 8.51 4.74 21.04
C ASP C 176 7.21 4.44 20.30
N MET C 177 7.27 4.38 18.99
CA MET C 177 6.07 4.22 18.20
C MET C 177 6.16 3.07 17.21
N VAL C 178 5.03 2.71 16.64
CA VAL C 178 4.97 1.73 15.57
C VAL C 178 3.77 2.06 14.72
N CYS C 179 3.81 1.68 13.45
CA CYS C 179 2.68 1.91 12.57
C CYS C 179 1.95 0.63 12.24
N ALA C 180 0.66 0.75 12.02
CA ALA C 180 -0.13 -0.36 11.55
C ALA C 180 -1.21 0.19 10.64
N GLY C 181 -1.46 -0.52 9.54
CA GLY C 181 -2.50 -0.13 8.61
C GLY C 181 -2.24 -0.56 7.19
N TYR C 182 -2.98 0.05 6.26
CA TYR C 182 -2.82 -0.26 4.85
C TYR C 182 -2.38 1.00 4.11
N VAL C 183 -1.51 0.84 3.11
CA VAL C 183 -0.96 2.00 2.43
C VAL C 183 -2.00 2.65 1.54
N GLU C 184 -2.99 1.89 1.09
CA GLU C 184 -4.03 2.45 0.26
C GLU C 184 -5.16 2.99 1.12
N GLY C 185 -4.97 2.87 2.43
CA GLY C 185 -5.86 3.49 3.39
C GLY C 185 -7.22 2.85 3.45
N GLY C 186 -8.22 3.63 3.85
CA GLY C 186 -9.57 3.14 3.98
C GLY C 186 -9.75 2.38 5.28
N LYS C 187 -8.64 1.89 5.82
CA LYS C 187 -8.67 1.15 7.08
C LYS C 187 -7.63 1.71 8.05
N ASP C 188 -8.11 2.07 9.24
CA ASP C 188 -7.31 2.83 10.18
C ASP C 188 -8.19 3.14 11.38
N ALA C 189 -7.59 3.64 12.46
CA ALA C 189 -8.36 4.11 13.61
C ALA C 189 -8.68 5.61 13.46
N CYS C 190 -9.78 6.07 14.04
CA CYS C 190 -10.13 7.48 13.90
C CYS C 190 -10.37 8.20 15.23
N GLN C 191 -10.87 9.43 15.17
CA GLN C 191 -11.09 10.20 16.40
C GLN C 191 -11.98 9.42 17.36
N GLY C 192 -11.54 9.31 18.61
CA GLY C 192 -12.28 8.57 19.61
C GLY C 192 -11.69 7.21 19.90
N ASP C 193 -10.68 6.81 19.13
CA ASP C 193 -10.09 5.49 19.32
C ASP C 193 -8.79 5.59 20.11
N SER C 194 -8.39 6.83 20.39
CA SER C 194 -7.15 7.02 21.13
C SER C 194 -7.19 6.23 22.43
N GLY C 195 -6.06 5.62 22.78
CA GLY C 195 -5.91 4.87 24.01
C GLY C 195 -6.28 3.42 23.80
N GLY C 196 -6.84 3.15 22.64
CA GLY C 196 -7.31 1.81 22.33
C GLY C 196 -6.16 0.83 22.15
N PRO C 197 -6.47 -0.45 22.29
CA PRO C 197 -5.40 -1.45 22.23
C PRO C 197 -5.10 -1.77 20.77
N LEU C 198 -3.83 -1.93 20.46
CA LEU C 198 -3.47 -2.69 19.28
C LEU C 198 -3.09 -4.08 19.80
N SER C 199 -3.98 -5.04 19.63
CA SER C 199 -3.77 -6.38 20.17
C SER C 199 -3.20 -7.25 19.09
N CYS C 200 -2.03 -7.83 19.35
CA CYS C 200 -1.39 -8.75 18.42
C CYS C 200 -1.34 -10.15 18.99
N PRO C 201 -1.87 -11.12 18.22
CA PRO C 201 -1.86 -12.53 18.63
C PRO C 201 -0.48 -13.11 18.43
N VAL C 202 0.12 -13.69 19.46
CA VAL C 202 1.35 -14.45 19.27
C VAL C 202 1.20 -15.83 19.90
N GLU C 203 0.80 -16.78 19.07
CA GLU C 203 0.65 -18.17 19.48
C GLU C 203 -0.60 -18.37 20.35
N GLY C 204 -1.74 -17.90 19.86
CA GLY C 204 -3.02 -18.08 20.50
C GLY C 204 -3.16 -17.24 21.75
N LEU C 205 -2.52 -16.09 21.75
CA LEU C 205 -2.32 -15.31 22.96
C LEU C 205 -2.18 -13.85 22.60
N TRP C 206 -2.97 -13.00 23.26
CA TRP C 206 -3.03 -11.59 22.89
C TRP C 206 -2.15 -10.68 23.74
N TYR C 207 -1.27 -9.95 23.05
CA TYR C 207 -0.39 -8.99 23.69
C TYR C 207 -0.84 -7.58 23.31
N LEU C 208 -0.68 -6.66 24.24
CA LEU C 208 -0.95 -5.27 23.97
C LEU C 208 0.28 -4.67 23.32
N THR C 209 0.29 -4.65 22.00
CA THR C 209 1.45 -4.16 21.27
C THR C 209 1.54 -2.64 21.23
N GLY C 210 0.39 -1.99 21.06
CA GLY C 210 0.38 -0.55 20.95
C GLY C 210 -0.87 0.11 21.50
N ILE C 211 -0.77 1.41 21.74
CA ILE C 211 -1.88 2.23 22.15
C ILE C 211 -2.17 3.18 21.03
N VAL C 212 -3.38 3.13 20.49
CA VAL C 212 -3.77 4.03 19.41
C VAL C 212 -3.38 5.46 19.76
N SER C 213 -2.68 6.13 18.86
CA SER C 213 -2.08 7.41 19.18
C SER C 213 -2.51 8.50 18.21
N TRP C 214 -1.98 8.47 17.00
CA TRP C 214 -2.26 9.52 16.04
C TRP C 214 -2.14 8.99 14.62
N GLY C 215 -2.37 9.87 13.63
CA GLY C 215 -2.27 9.54 12.23
C GLY C 215 -2.66 10.78 11.44
N ASP C 216 -2.30 10.84 10.16
CA ASP C 216 -2.57 12.04 9.37
C ASP C 216 -4.07 12.31 9.26
N ALA C 217 -4.80 11.37 8.66
CA ALA C 217 -6.26 11.45 8.67
C ALA C 217 -6.81 10.18 9.28
N CYS C 218 -7.54 9.42 8.48
CA CYS C 218 -7.96 8.08 8.85
C CYS C 218 -8.58 7.42 7.64
N GLY C 219 -7.82 6.52 7.02
CA GLY C 219 -8.20 5.98 5.73
C GLY C 219 -7.46 6.74 4.65
N ALA C 220 -6.45 7.50 5.06
CA ALA C 220 -5.63 8.27 4.14
C ALA C 220 -4.59 7.37 3.50
N ARG C 221 -4.34 7.58 2.22
CA ARG C 221 -3.31 6.81 1.51
C ARG C 221 -1.93 7.28 1.97
N ASN C 222 -1.04 6.32 2.20
CA ASN C 222 0.34 6.59 2.64
C ASN C 222 0.42 7.23 4.01
N ARG C 223 -0.62 7.03 4.81
CA ARG C 223 -0.67 7.60 6.15
C ARG C 223 -1.31 6.61 7.13
N PRO C 224 -0.70 5.44 7.28
CA PRO C 224 -1.19 4.44 8.23
C PRO C 224 -1.11 5.02 9.66
N GLY C 225 -1.94 4.49 10.56
CA GLY C 225 -1.97 5.02 11.91
C GLY C 225 -0.71 4.71 12.67
N VAL C 226 -0.38 5.57 13.62
CA VAL C 226 0.74 5.34 14.50
C VAL C 226 0.26 5.05 15.92
N TYR C 227 0.91 4.08 16.54
CA TYR C 227 0.56 3.61 17.85
C TYR C 227 1.76 3.76 18.76
N THR C 228 1.49 4.02 20.04
CA THR C 228 2.52 4.02 21.05
C THR C 228 2.88 2.60 21.46
N LEU C 229 4.16 2.26 21.32
CA LEU C 229 4.66 0.94 21.73
C LEU C 229 4.52 0.67 23.22
N ALA C 230 3.86 -0.43 23.55
CA ALA C 230 3.75 -0.84 24.95
C ALA C 230 5.10 -1.30 25.50
N SER C 231 5.87 -1.99 24.67
CA SER C 231 7.14 -2.56 25.12
C SER C 231 8.14 -1.49 25.51
N SER C 232 8.08 -0.33 24.83
CA SER C 232 9.00 0.78 25.09
C SER C 232 8.77 1.37 26.48
N TYR C 233 7.68 0.97 27.12
CA TYR C 233 7.32 1.51 28.43
C TYR C 233 7.10 0.42 29.44
N ALA C 234 7.38 -0.82 29.09
CA ALA C 234 7.17 -1.92 30.02
C ALA C 234 7.88 -1.62 31.35
N SER C 235 9.14 -1.20 31.26
CA SER C 235 9.92 -0.83 32.43
C SER C 235 9.10 0.07 33.36
N TRP C 236 8.64 1.18 32.80
CA TRP C 236 7.87 2.15 33.56
C TRP C 236 6.59 1.57 34.15
N ILE C 237 5.80 0.91 33.31
CA ILE C 237 4.51 0.40 33.77
C ILE C 237 4.68 -0.63 34.86
N GLN C 238 5.73 -1.44 34.75
CA GLN C 238 6.00 -2.44 35.76
C GLN C 238 6.29 -1.76 37.10
N SER C 239 6.68 -0.48 37.04
CA SER C 239 6.96 0.29 38.25
C SER C 239 5.68 0.66 39.02
N LYS C 240 4.58 0.01 38.66
CA LYS C 240 3.34 0.10 39.42
C LYS C 240 2.45 -1.14 39.20
N VAL C 241 2.92 -2.28 39.71
CA VAL C 241 2.21 -3.55 39.62
C VAL C 241 2.28 -4.33 40.93
N PRO D 2 -9.77 40.15 15.08
CA PRO D 2 -10.01 38.70 15.01
C PRO D 2 -8.75 37.95 14.54
N ASP D 3 -8.73 37.53 13.27
CA ASP D 3 -7.50 37.07 12.58
C ASP D 3 -7.50 35.61 12.13
N PHE D 4 -6.84 34.75 12.92
CA PHE D 4 -6.86 33.31 12.74
C PHE D 4 -8.28 32.78 12.83
N CYS D 5 -9.22 33.66 13.20
CA CYS D 5 -10.63 33.32 13.25
C CYS D 5 -11.14 32.93 11.86
N LEU D 6 -10.28 33.10 10.87
CA LEU D 6 -10.62 32.80 9.48
C LEU D 6 -10.19 31.41 9.07
N GLU D 7 -9.32 30.79 9.86
CA GLU D 7 -8.90 29.43 9.54
C GLU D 7 -10.02 28.44 9.83
N PRO D 8 -10.08 27.36 9.05
CA PRO D 8 -11.01 26.26 9.31
C PRO D 8 -10.60 25.54 10.60
N PRO D 9 -11.56 24.83 11.23
CA PRO D 9 -11.25 24.03 12.41
C PRO D 9 -10.21 22.98 12.07
N TYR D 10 -9.24 22.80 12.95
CA TYR D 10 -8.15 21.86 12.75
C TYR D 10 -8.25 20.73 13.78
N THR D 11 -8.53 19.51 13.31
CA THR D 11 -8.66 18.38 14.21
C THR D 11 -7.32 17.87 14.72
N GLY D 12 -6.31 17.87 13.85
CA GLY D 12 -4.97 17.47 14.24
C GLY D 12 -4.81 15.97 14.25
N PRO D 13 -3.57 15.50 14.44
CA PRO D 13 -3.18 14.11 14.19
C PRO D 13 -3.67 13.12 15.24
N CYS D 14 -3.87 13.57 16.47
CA CYS D 14 -4.21 12.65 17.55
C CYS D 14 -5.65 12.22 17.46
N LYS D 15 -5.98 11.08 18.02
CA LYS D 15 -7.31 10.51 17.77
C LYS D 15 -8.24 10.40 18.97
N ALA D 16 -8.18 11.37 19.87
CA ALA D 16 -9.17 11.46 20.93
C ALA D 16 -10.41 12.16 20.37
N ARG D 17 -11.52 12.07 21.08
CA ARG D 17 -12.70 12.86 20.71
C ARG D 17 -12.98 13.94 21.75
N ILE D 18 -12.25 15.05 21.65
CA ILE D 18 -12.46 16.18 22.53
C ILE D 18 -13.23 17.29 21.81
N ILE D 19 -14.37 17.68 22.36
CA ILE D 19 -15.24 18.64 21.71
C ILE D 19 -14.77 20.05 21.97
N ARG D 20 -14.59 20.82 20.91
CA ARG D 20 -14.17 22.20 21.02
C ARG D 20 -15.01 23.14 20.14
N TYR D 21 -14.86 24.44 20.38
CA TYR D 21 -15.58 25.44 19.61
C TYR D 21 -14.63 26.16 18.67
N PHE D 22 -15.12 26.50 17.50
CA PHE D 22 -14.36 27.31 16.55
C PHE D 22 -15.31 28.34 15.96
N TYR D 23 -14.77 29.46 15.51
CA TYR D 23 -15.59 30.49 14.91
C TYR D 23 -15.76 30.19 13.44
N ASN D 24 -17.02 30.13 13.02
CA ASN D 24 -17.31 29.98 11.62
C ASN D 24 -17.56 31.36 11.05
N ALA D 25 -16.54 31.97 10.46
CA ALA D 25 -16.65 33.38 10.08
C ALA D 25 -17.66 33.63 8.96
N LYS D 26 -17.87 32.64 8.11
CA LYS D 26 -18.83 32.79 7.03
C LYS D 26 -20.22 32.76 7.60
N ALA D 27 -20.39 31.94 8.63
CA ALA D 27 -21.68 31.74 9.25
C ALA D 27 -22.01 32.82 10.29
N GLY D 28 -20.97 33.52 10.75
CA GLY D 28 -21.09 34.47 11.85
C GLY D 28 -21.45 33.76 13.14
N LEU D 29 -20.88 32.58 13.33
CA LEU D 29 -21.35 31.67 14.37
C LEU D 29 -20.23 30.90 15.07
N CYS D 30 -20.43 30.61 16.35
CA CYS D 30 -19.48 29.77 17.09
C CYS D 30 -19.93 28.31 17.08
N GLN D 31 -19.15 27.49 16.41
CA GLN D 31 -19.54 26.14 16.07
C GLN D 31 -18.73 25.09 16.81
N THR D 32 -19.33 23.93 17.06
CA THR D 32 -18.62 22.85 17.74
C THR D 32 -17.92 21.97 16.73
N PHE D 33 -16.66 21.62 17.03
CA PHE D 33 -15.96 20.62 16.24
C PHE D 33 -15.29 19.59 17.14
N VAL D 34 -14.77 18.53 16.54
CA VAL D 34 -14.07 17.50 17.30
C VAL D 34 -12.57 17.71 17.19
N TYR D 35 -11.95 18.00 18.32
CA TYR D 35 -10.52 18.15 18.41
C TYR D 35 -9.90 16.82 18.85
N GLY D 36 -8.71 16.52 18.34
CA GLY D 36 -8.10 15.22 18.57
C GLY D 36 -7.19 15.14 19.79
N GLY D 37 -6.78 16.29 20.30
CA GLY D 37 -5.93 16.32 21.46
C GLY D 37 -4.51 16.82 21.25
N CYS D 38 -4.15 17.23 20.04
CA CYS D 38 -2.87 17.88 19.87
C CYS D 38 -2.73 18.71 18.61
N ARG D 39 -1.75 19.61 18.65
CA ARG D 39 -1.42 20.49 17.54
C ARG D 39 -2.58 21.45 17.22
N ALA D 40 -3.41 21.68 18.22
CA ALA D 40 -4.47 22.68 18.11
C ALA D 40 -3.97 23.99 17.53
N LYS D 41 -4.73 24.54 16.59
CA LYS D 41 -4.52 25.90 16.11
C LYS D 41 -5.20 26.88 17.05
N ARG D 42 -5.34 28.12 16.62
CA ARG D 42 -5.78 29.17 17.53
C ARG D 42 -7.28 29.34 17.52
N ASN D 43 -7.89 28.92 16.42
CA ASN D 43 -9.34 28.98 16.27
C ASN D 43 -9.93 27.74 16.91
N ASN D 44 -9.78 27.66 18.23
CA ASN D 44 -10.07 26.46 18.98
C ASN D 44 -10.27 26.85 20.44
N PHE D 45 -11.51 26.76 20.90
CA PHE D 45 -11.84 27.28 22.21
C PHE D 45 -12.46 26.20 23.08
N LYS D 46 -12.23 26.32 24.39
CA LYS D 46 -12.79 25.38 25.34
C LYS D 46 -14.27 25.66 25.56
N SER D 47 -14.71 26.87 25.22
CA SER D 47 -16.09 27.25 25.48
C SER D 47 -16.66 28.20 24.42
N ALA D 48 -17.98 28.19 24.26
CA ALA D 48 -18.64 29.02 23.26
C ALA D 48 -18.36 30.51 23.46
N GLU D 49 -18.34 30.96 24.70
CA GLU D 49 -18.17 32.38 24.98
C GLU D 49 -16.70 32.82 24.92
N ASP D 50 -15.80 31.89 25.25
CA ASP D 50 -14.37 32.12 25.05
C ASP D 50 -14.17 32.46 23.58
N CYS D 51 -15.02 31.85 22.74
CA CYS D 51 -14.98 32.01 21.30
C CYS D 51 -15.57 33.34 20.84
N MET D 52 -16.87 33.54 21.04
CA MET D 52 -17.50 34.78 20.61
C MET D 52 -16.70 35.98 21.10
N ARG D 53 -16.24 35.90 22.34
CA ARG D 53 -15.41 36.93 22.94
C ARG D 53 -14.19 37.28 22.07
N THR D 54 -13.34 36.28 21.83
CA THR D 54 -12.18 36.48 20.96
C THR D 54 -12.57 36.94 19.56
N CYS D 55 -13.71 36.45 19.05
CA CYS D 55 -14.15 36.82 17.70
C CYS D 55 -15.66 36.62 17.44
#